data_3U7G
#
_entry.id   3U7G
#
_cell.length_a   77.160
_cell.length_b   43.030
_cell.length_c   127.270
_cell.angle_alpha   90.000
_cell.angle_beta   107.120
_cell.angle_gamma   90.000
#
_symmetry.space_group_name_H-M   'C 1 2 1'
#
loop_
_entity.id
_entity.type
_entity.pdbx_description
1 polymer 'Bifunctional polynucleotide phosphatase/kinase'
2 polymer DNA
3 non-polymer GLYCEROL
4 non-polymer 'PHOSPHATE ION'
5 non-polymer 'MAGNESIUM ION'
6 water water
#
loop_
_entity_poly.entity_id
_entity_poly.type
_entity_poly.pdbx_seq_one_letter_code
_entity_poly.pdbx_strand_id
1 'polypeptide(L)'
;LGWESLKKLLVFTASGVKPQGKVAAFALDGTLITTRSGKVFPTSPSDWRILYPEIPKKLQELAAEGYKLVIFTNQ(MSE)
GIGRGKLPAEVFKGKVEAVLEKLGVPFQVLVATHAGLNRKPVSG(MSE)WDHLQEQANEGIPISVEDSVFVGDAAGRLAN
WAPGRKKKDFSCADRLFALNVGLPFATPEEFFLKWPAARFELPAFDPRTISSAGPLYLPESSSLLSPNPEVVVAVGFPGA
GKSTFIQEHLVSAGYVHVNRDTLGSWQRCVSSCQAALRQGKRVVIDNTNPDVPSRARYIQCAKDAGVPCRCFNFCATIEQ
ARHNNRFRE(MSE)TDPSHAPVSD(MSE)V(MSE)FSYRKQFEPPTLAEGFLEILEIPFRLQEHLDPALQRLYRQFSEG
;
A
2 'polydeoxyribonucleotide' (DT)(DC)(DC)(DT)(DA) X
#
loop_
_chem_comp.id
_chem_comp.type
_chem_comp.name
_chem_comp.formula
DA DNA linking 2'-DEOXYADENOSINE-5'-MONOPHOSPHATE 'C10 H14 N5 O6 P'
DC DNA linking 2'-DEOXYCYTIDINE-5'-MONOPHOSPHATE 'C9 H14 N3 O7 P'
DT DNA linking THYMIDINE-5'-MONOPHOSPHATE 'C10 H15 N2 O8 P'
GOL non-polymer GLYCEROL 'C3 H8 O3'
MG non-polymer 'MAGNESIUM ION' 'Mg 2'
PO4 non-polymer 'PHOSPHATE ION' 'O4 P -3'
#
# COMPACT_ATOMS: atom_id res chain seq x y z
N LEU A 1 -25.85 -18.84 -8.17
CA LEU A 1 -26.71 -17.82 -8.77
C LEU A 1 -26.76 -16.56 -7.90
N GLY A 2 -26.42 -16.71 -6.62
CA GLY A 2 -26.39 -15.60 -5.69
C GLY A 2 -25.16 -14.71 -5.86
N TRP A 3 -24.66 -14.64 -7.09
CA TRP A 3 -23.41 -13.94 -7.40
C TRP A 3 -23.69 -12.52 -7.88
N GLU A 4 -22.88 -11.58 -7.41
CA GLU A 4 -22.89 -10.24 -7.93
C GLU A 4 -21.55 -9.93 -8.56
N SER A 5 -21.58 -9.50 -9.84
CA SER A 5 -20.37 -9.08 -10.52
C SER A 5 -20.24 -7.58 -10.50
N LEU A 6 -19.42 -7.09 -9.56
CA LEU A 6 -19.14 -5.68 -9.45
C LEU A 6 -17.80 -5.40 -10.10
N LYS A 7 -17.41 -4.13 -10.13
CA LYS A 7 -16.10 -3.77 -10.69
C LYS A 7 -15.00 -4.10 -9.70
N LYS A 8 -14.09 -4.96 -10.14
CA LYS A 8 -12.95 -5.42 -9.33
C LYS A 8 -13.40 -6.03 -8.02
N LEU A 9 -14.58 -6.67 -8.04
CA LEU A 9 -15.12 -7.40 -6.88
C LEU A 9 -16.22 -8.39 -7.27
N LEU A 10 -16.16 -9.60 -6.71
CA LEU A 10 -17.27 -10.56 -6.79
C LEU A 10 -17.81 -10.82 -5.39
N VAL A 11 -19.15 -10.92 -5.28
CA VAL A 11 -19.80 -11.20 -3.99
C VAL A 11 -20.79 -12.35 -4.16
N PHE A 12 -20.64 -13.39 -3.36
CA PHE A 12 -21.65 -14.46 -3.31
C PHE A 12 -22.29 -14.41 -1.94
N THR A 13 -23.62 -14.46 -1.90
CA THR A 13 -24.31 -14.55 -0.63
C THR A 13 -25.14 -15.83 -0.68
N ALA A 14 -24.78 -16.82 0.12
CA ALA A 14 -25.48 -18.09 0.09
C ALA A 14 -26.91 -17.92 0.60
N SER A 15 -27.80 -18.81 0.15
CA SER A 15 -29.07 -19.00 0.80
C SER A 15 -28.85 -19.26 2.28
N GLY A 16 -29.58 -18.56 3.15
CA GLY A 16 -29.47 -18.80 4.57
C GLY A 16 -28.68 -17.72 5.30
N VAL A 17 -27.89 -16.95 4.57
CA VAL A 17 -27.14 -15.86 5.19
C VAL A 17 -28.06 -14.79 5.75
N LYS A 18 -27.83 -14.41 7.00
CA LYS A 18 -28.45 -13.24 7.60
C LYS A 18 -27.38 -12.23 8.00
N PRO A 19 -27.73 -10.94 7.97
CA PRO A 19 -26.85 -9.88 8.48
C PRO A 19 -26.64 -10.04 9.98
N GLN A 20 -25.47 -9.67 10.48
CA GLN A 20 -25.23 -9.75 11.91
C GLN A 20 -24.37 -8.59 12.39
N GLY A 21 -24.35 -8.41 13.71
CA GLY A 21 -23.62 -7.31 14.31
C GLY A 21 -22.21 -7.69 14.69
N LYS A 22 -21.81 -8.92 14.40
CA LYS A 22 -20.44 -9.37 14.57
C LYS A 22 -20.16 -10.41 13.49
N VAL A 23 -18.89 -10.57 13.13
CA VAL A 23 -18.49 -11.38 11.99
C VAL A 23 -17.34 -12.32 12.33
N ALA A 24 -17.42 -13.56 11.82
CA ALA A 24 -16.27 -14.43 11.79
C ALA A 24 -15.88 -14.56 10.32
N ALA A 25 -14.70 -14.03 9.98
CA ALA A 25 -14.28 -13.90 8.60
C ALA A 25 -13.00 -14.69 8.36
N PHE A 26 -12.89 -15.26 7.15
CA PHE A 26 -11.77 -16.14 6.81
C PHE A 26 -11.19 -15.84 5.44
N ALA A 27 -9.88 -16.08 5.28
CA ALA A 27 -9.32 -16.22 3.95
C ALA A 27 -9.75 -17.59 3.45
N LEU A 28 -9.69 -17.82 2.15
CA LEU A 28 -10.06 -19.11 1.56
C LEU A 28 -8.88 -20.04 1.35
N ASP A 29 -8.04 -19.73 0.38
CA ASP A 29 -6.90 -20.60 0.08
C ASP A 29 -5.89 -20.60 1.24
N GLY A 30 -5.61 -21.78 1.78
CA GLY A 30 -4.66 -21.88 2.87
C GLY A 30 -5.26 -21.62 4.25
N THR A 31 -6.56 -21.42 4.32
CA THR A 31 -7.23 -21.17 5.60
C THR A 31 -8.40 -22.10 5.82
N LEU A 32 -9.30 -22.16 4.84
CA LEU A 32 -10.43 -23.08 4.92
C LEU A 32 -10.17 -24.32 4.06
N ILE A 33 -9.42 -24.14 2.98
CA ILE A 33 -9.08 -25.24 2.08
C ILE A 33 -7.60 -25.20 1.70
N THR A 34 -7.12 -26.31 1.16
CA THR A 34 -5.78 -26.38 0.58
C THR A 34 -5.91 -27.33 -0.58
N THR A 35 -4.84 -27.51 -1.36
CA THR A 35 -4.93 -28.40 -2.50
C THR A 35 -4.82 -29.82 -2.00
N ARG A 36 -5.50 -30.74 -2.67
CA ARG A 36 -5.34 -32.14 -2.34
C ARG A 36 -3.95 -32.60 -2.78
N SER A 37 -3.40 -31.95 -3.80
CA SER A 37 -2.12 -32.38 -4.40
C SER A 37 -0.90 -31.98 -3.57
N GLY A 38 -0.98 -30.85 -2.88
CA GLY A 38 0.15 -30.36 -2.12
C GLY A 38 0.84 -29.23 -2.84
N LYS A 39 0.46 -29.00 -4.10
CA LYS A 39 0.94 -27.85 -4.83
C LYS A 39 0.42 -26.56 -4.20
N VAL A 40 1.13 -25.45 -4.38
CA VAL A 40 0.65 -24.16 -3.91
C VAL A 40 -0.70 -23.87 -4.55
N PHE A 41 -0.75 -24.04 -5.87
CA PHE A 41 -1.97 -23.79 -6.63
C PHE A 41 -2.59 -25.10 -7.16
N PRO A 42 -3.91 -25.12 -7.29
CA PRO A 42 -4.67 -26.31 -7.69
C PRO A 42 -4.34 -26.78 -9.11
N THR A 43 -4.01 -28.06 -9.27
CA THR A 43 -3.74 -28.64 -10.59
C THR A 43 -4.99 -28.63 -11.45
N SER A 44 -6.15 -28.62 -10.79
CA SER A 44 -7.43 -28.64 -11.48
C SER A 44 -8.47 -27.89 -10.66
N PRO A 45 -9.67 -27.72 -11.22
CA PRO A 45 -10.78 -27.16 -10.44
C PRO A 45 -11.19 -28.09 -9.31
N SER A 46 -10.80 -29.36 -9.40
CA SER A 46 -11.15 -30.34 -8.37
C SER A 46 -10.03 -30.54 -7.34
N ASP A 47 -8.95 -29.77 -7.44
CA ASP A 47 -7.80 -29.97 -6.58
C ASP A 47 -7.89 -29.15 -5.29
N TRP A 48 -8.87 -29.46 -4.45
CA TRP A 48 -8.96 -28.86 -3.13
C TRP A 48 -9.47 -29.86 -2.11
N ARG A 49 -9.19 -29.56 -0.84
CA ARG A 49 -9.79 -30.27 0.29
C ARG A 49 -9.93 -29.30 1.45
N ILE A 50 -10.81 -29.61 2.40
CA ILE A 50 -10.93 -28.81 3.63
C ILE A 50 -9.56 -28.86 4.35
N LEU A 51 -9.07 -27.73 4.83
CA LEU A 51 -7.70 -27.68 5.37
C LEU A 51 -7.53 -28.58 6.59
N TYR A 52 -8.47 -28.52 7.52
CA TYR A 52 -8.41 -29.35 8.73
C TYR A 52 -9.79 -29.95 9.00
N PRO A 53 -9.83 -31.18 9.54
CA PRO A 53 -11.08 -31.87 9.88
C PRO A 53 -11.93 -31.08 10.86
N GLU A 54 -11.28 -30.29 11.71
CA GLU A 54 -11.97 -29.55 12.77
C GLU A 54 -12.80 -28.37 12.28
N ILE A 55 -12.56 -27.92 11.05
CA ILE A 55 -13.15 -26.67 10.57
C ILE A 55 -14.71 -26.65 10.52
N PRO A 56 -15.34 -27.63 9.84
CA PRO A 56 -16.81 -27.59 9.72
C PRO A 56 -17.54 -27.50 11.06
N LYS A 57 -17.06 -28.21 12.07
CA LYS A 57 -17.73 -28.19 13.36
C LYS A 57 -17.52 -26.84 14.03
N LYS A 58 -16.35 -26.26 13.84
CA LYS A 58 -16.10 -24.93 14.37
C LYS A 58 -17.05 -23.90 13.76
N LEU A 59 -17.18 -23.94 12.44
CA LEU A 59 -18.02 -22.98 11.72
C LEU A 59 -19.48 -23.11 12.15
N GLN A 60 -19.97 -24.33 12.25
CA GLN A 60 -21.31 -24.57 12.77
C GLN A 60 -21.50 -23.89 14.13
N GLU A 61 -20.53 -23.99 15.02
CA GLU A 61 -20.67 -23.37 16.34
C GLU A 61 -20.73 -21.85 16.22
N LEU A 62 -19.81 -21.27 15.44
CA LEU A 62 -19.81 -19.83 15.23
C LEU A 62 -21.20 -19.35 14.78
N ALA A 63 -21.77 -20.07 13.83
CA ALA A 63 -23.06 -19.69 13.29
C ALA A 63 -24.11 -19.75 14.38
N ALA A 64 -24.14 -20.83 15.14
CA ALA A 64 -25.08 -20.94 16.26
C ALA A 64 -24.90 -19.79 17.25
N GLU A 65 -23.66 -19.30 17.40
CA GLU A 65 -23.39 -18.19 18.31
C GLU A 65 -23.76 -16.84 17.72
N GLY A 66 -24.30 -16.84 16.51
CA GLY A 66 -24.79 -15.60 15.89
C GLY A 66 -23.77 -14.83 15.06
N TYR A 67 -22.61 -15.44 14.79
CA TYR A 67 -21.64 -14.82 13.90
C TYR A 67 -22.11 -14.96 12.44
N LYS A 68 -22.07 -13.87 11.69
CA LYS A 68 -22.18 -13.95 10.24
C LYS A 68 -20.85 -14.53 9.74
N LEU A 69 -20.93 -15.60 8.97
CA LEU A 69 -19.72 -16.21 8.41
C LEU A 69 -19.39 -15.57 7.06
N VAL A 70 -18.15 -15.07 6.95
CA VAL A 70 -17.71 -14.35 5.76
C VAL A 70 -16.33 -14.81 5.30
N ILE A 71 -16.12 -14.81 3.98
CA ILE A 71 -14.81 -15.04 3.37
C ILE A 71 -14.30 -13.78 2.66
N PHE A 72 -13.08 -13.39 2.96
CA PHE A 72 -12.38 -12.35 2.19
C PHE A 72 -11.22 -13.03 1.49
N THR A 73 -11.36 -13.28 0.20
CA THR A 73 -10.33 -13.97 -0.57
C THR A 73 -9.72 -13.08 -1.67
N ASN A 74 -8.39 -12.99 -1.70
CA ASN A 74 -7.65 -12.36 -2.78
C ASN A 74 -7.57 -13.35 -3.93
N GLN A 75 -8.08 -12.97 -5.11
CA GLN A 75 -8.01 -13.85 -6.27
C GLN A 75 -7.56 -13.05 -7.50
N MSE A 76 -6.34 -12.53 -7.44
CA MSE A 76 -5.85 -11.60 -8.48
C MSE A 76 -5.59 -12.35 -9.80
O MSE A 76 -5.38 -11.73 -10.84
CB MSE A 76 -4.60 -10.87 -8.00
CG MSE A 76 -4.11 -9.82 -8.98
SE MSE A 76 -2.93 -8.53 -8.18
CE MSE A 76 -1.42 -9.70 -7.96
H MSE A 76 -5.77 -12.68 -6.82
HA MSE A 76 -6.54 -10.93 -8.65
HB2 MSE A 76 -4.81 -10.42 -7.17
HB3 MSE A 76 -3.89 -11.50 -7.86
HG2 MSE A 76 -3.62 -10.27 -9.70
HG3 MSE A 76 -4.87 -9.34 -9.36
HE1 MSE A 76 -0.70 -9.20 -7.55
HE2 MSE A 76 -1.67 -10.43 -7.40
HE3 MSE A 76 -1.15 -10.02 -8.83
N GLY A 77 -5.60 -13.67 -9.74
CA GLY A 77 -5.48 -14.49 -10.93
C GLY A 77 -6.65 -14.32 -11.88
N ILE A 78 -7.81 -13.96 -11.33
CA ILE A 78 -8.98 -13.64 -12.14
C ILE A 78 -8.77 -12.31 -12.91
N GLY A 79 -8.36 -11.26 -12.21
CA GLY A 79 -8.04 -10.02 -12.89
C GLY A 79 -6.85 -10.12 -13.85
N ARG A 80 -5.91 -11.02 -13.54
CA ARG A 80 -4.72 -11.23 -14.36
C ARG A 80 -4.99 -12.14 -15.55
N GLY A 81 -6.16 -12.78 -15.56
CA GLY A 81 -6.55 -13.59 -16.70
C GLY A 81 -6.18 -15.05 -16.56
N LYS A 82 -5.53 -15.41 -15.47
CA LYS A 82 -5.08 -16.78 -15.27
C LYS A 82 -6.24 -17.71 -14.96
N LEU A 83 -7.23 -17.19 -14.25
CA LEU A 83 -8.30 -18.01 -13.70
C LEU A 83 -9.66 -17.42 -14.05
N PRO A 84 -10.44 -18.12 -14.88
CA PRO A 84 -11.78 -17.66 -15.27
C PRO A 84 -12.72 -17.52 -14.08
N ALA A 85 -13.44 -16.41 -14.01
CA ALA A 85 -14.30 -16.15 -12.84
C ALA A 85 -15.32 -17.26 -12.62
N GLU A 86 -15.90 -17.80 -13.69
CA GLU A 86 -16.92 -18.82 -13.57
C GLU A 86 -16.36 -20.15 -13.01
N VAL A 87 -15.09 -20.43 -13.31
CA VAL A 87 -14.45 -21.60 -12.73
C VAL A 87 -14.31 -21.42 -11.22
N PHE A 88 -13.82 -20.27 -10.81
CA PHE A 88 -13.72 -19.98 -9.39
C PHE A 88 -15.09 -20.06 -8.73
N LYS A 89 -16.10 -19.47 -9.36
CA LYS A 89 -17.44 -19.48 -8.79
C LYS A 89 -17.91 -20.87 -8.52
N GLY A 90 -17.72 -21.76 -9.48
CA GLY A 90 -18.06 -23.16 -9.30
C GLY A 90 -17.29 -23.77 -8.16
N LYS A 91 -16.00 -23.42 -8.04
CA LYS A 91 -15.18 -23.99 -6.99
C LYS A 91 -15.66 -23.53 -5.62
N VAL A 92 -15.95 -22.23 -5.48
CA VAL A 92 -16.43 -21.69 -4.20
C VAL A 92 -17.74 -22.32 -3.74
N GLU A 93 -18.68 -22.55 -4.67
CA GLU A 93 -19.96 -23.11 -4.28
C GLU A 93 -19.80 -24.56 -3.80
N ALA A 94 -18.92 -25.30 -4.46
CA ALA A 94 -18.68 -26.69 -4.06
C ALA A 94 -18.01 -26.72 -2.69
N VAL A 95 -17.05 -25.83 -2.46
CA VAL A 95 -16.46 -25.69 -1.15
C VAL A 95 -17.54 -25.43 -0.11
N LEU A 96 -18.31 -24.37 -0.32
CA LEU A 96 -19.38 -24.02 0.59
C LEU A 96 -20.32 -25.20 0.82
N GLU A 97 -20.64 -25.97 -0.23
CA GLU A 97 -21.50 -27.16 -0.11
C GLU A 97 -20.93 -28.11 0.92
N LYS A 98 -19.61 -28.29 0.84
CA LYS A 98 -18.86 -29.18 1.72
C LYS A 98 -18.78 -28.64 3.16
N LEU A 99 -18.56 -27.35 3.32
CA LEU A 99 -18.47 -26.73 4.65
C LEU A 99 -19.80 -26.80 5.41
N GLY A 100 -20.90 -26.81 4.67
CA GLY A 100 -22.19 -27.09 5.25
C GLY A 100 -22.83 -25.96 6.02
N VAL A 101 -22.30 -24.74 5.90
CA VAL A 101 -22.89 -23.57 6.54
C VAL A 101 -23.02 -22.46 5.53
N PRO A 102 -23.98 -21.53 5.75
CA PRO A 102 -24.16 -20.37 4.88
C PRO A 102 -23.03 -19.37 5.01
N PHE A 103 -22.38 -19.07 3.89
CA PHE A 103 -21.34 -18.04 3.85
C PHE A 103 -21.71 -16.93 2.90
N GLN A 104 -21.21 -15.74 3.19
CA GLN A 104 -21.09 -14.68 2.20
C GLN A 104 -19.60 -14.53 1.84
N VAL A 105 -19.32 -14.49 0.55
CA VAL A 105 -17.96 -14.52 0.02
C VAL A 105 -17.65 -13.24 -0.79
N LEU A 106 -16.57 -12.55 -0.42
CA LEU A 106 -16.09 -11.40 -1.18
C LEU A 106 -14.75 -11.73 -1.84
N VAL A 107 -14.64 -11.43 -3.13
CA VAL A 107 -13.49 -11.81 -3.94
C VAL A 107 -12.77 -10.62 -4.59
N ALA A 108 -11.55 -10.35 -4.17
CA ALA A 108 -10.75 -9.31 -4.77
C ALA A 108 -10.09 -9.83 -6.03
N THR A 109 -10.66 -9.48 -7.18
CA THR A 109 -10.21 -10.01 -8.45
C THR A 109 -8.99 -9.27 -9.00
N HIS A 110 -8.72 -8.08 -8.44
CA HIS A 110 -7.71 -7.17 -9.00
C HIS A 110 -6.77 -6.60 -7.94
N ALA A 111 -5.76 -5.88 -8.41
CA ALA A 111 -4.93 -5.11 -7.51
C ALA A 111 -5.75 -3.93 -7.00
N GLY A 112 -5.34 -3.35 -5.88
CA GLY A 112 -5.85 -2.05 -5.48
C GLY A 112 -6.74 -2.07 -4.24
N LEU A 113 -7.81 -1.27 -4.29
CA LEU A 113 -8.61 -0.96 -3.10
C LEU A 113 -9.14 -2.19 -2.37
N ASN A 114 -9.50 -3.23 -3.11
CA ASN A 114 -10.12 -4.42 -2.53
C ASN A 114 -9.16 -5.55 -2.19
N ARG A 115 -7.92 -5.46 -2.66
CA ARG A 115 -6.92 -6.48 -2.41
C ARG A 115 -6.34 -6.38 -1.00
N LYS A 116 -6.48 -7.44 -0.20
CA LYS A 116 -5.86 -7.46 1.11
C LYS A 116 -4.38 -7.13 0.94
N PRO A 117 -3.80 -6.36 1.88
CA PRO A 117 -4.36 -5.89 3.16
C PRO A 117 -5.26 -4.66 3.13
N VAL A 118 -5.38 -3.97 2.00
CA VAL A 118 -6.26 -2.79 1.97
C VAL A 118 -7.68 -3.28 2.25
N SER A 119 -8.48 -2.44 2.93
CA SER A 119 -9.72 -2.91 3.56
C SER A 119 -10.98 -2.73 2.71
N GLY A 120 -10.82 -2.49 1.42
CA GLY A 120 -11.95 -2.37 0.52
C GLY A 120 -13.06 -3.40 0.73
N MSE A 121 -12.72 -4.67 0.94
CA MSE A 121 -13.75 -5.69 1.05
C MSE A 121 -14.51 -5.56 2.36
O MSE A 121 -15.70 -5.84 2.42
CB MSE A 121 -13.18 -7.10 0.91
CG MSE A 121 -12.85 -7.51 -0.53
SE MSE A 121 -12.28 -9.36 -0.70
CE MSE A 121 -10.52 -9.18 0.06
H MSE A 121 -11.91 -4.96 1.01
HA MSE A 121 -14.39 -5.57 0.32
HB2 MSE A 121 -12.36 -7.16 1.42
HB3 MSE A 121 -13.83 -7.73 1.25
HG2 MSE A 121 -13.64 -7.38 -1.08
HG3 MSE A 121 -12.12 -6.95 -0.86
HE1 MSE A 121 -10.09 -10.03 0.05
HE2 MSE A 121 -10.02 -8.55 -0.48
HE3 MSE A 121 -10.60 -8.86 0.95
N TRP A 122 -13.83 -5.18 3.44
CA TRP A 122 -14.52 -4.94 4.70
C TRP A 122 -15.52 -3.80 4.55
N ASP A 123 -15.12 -2.74 3.86
CA ASP A 123 -15.94 -1.55 3.79
C ASP A 123 -17.17 -1.89 2.95
N HIS A 124 -17.00 -2.74 1.95
CA HIS A 124 -18.13 -3.16 1.15
C HIS A 124 -19.05 -4.03 2.00
N LEU A 125 -18.47 -4.97 2.74
CA LEU A 125 -19.30 -5.80 3.62
C LEU A 125 -20.20 -4.88 4.46
N GLN A 126 -19.57 -3.90 5.10
CA GLN A 126 -20.25 -3.03 6.05
C GLN A 126 -21.22 -2.03 5.37
N GLU A 127 -20.76 -1.33 4.35
CA GLU A 127 -21.55 -0.27 3.74
C GLU A 127 -22.64 -0.80 2.81
N GLN A 128 -22.39 -1.94 2.19
CA GLN A 128 -23.25 -2.39 1.11
C GLN A 128 -23.89 -3.77 1.30
N ALA A 129 -23.29 -4.64 2.09
CA ALA A 129 -23.71 -6.03 2.05
C ALA A 129 -24.07 -6.65 3.39
N ASN A 130 -24.41 -5.81 4.36
CA ASN A 130 -24.89 -6.29 5.65
C ASN A 130 -26.25 -5.70 6.02
N GLU A 131 -26.99 -5.27 5.01
CA GLU A 131 -28.30 -4.63 5.20
C GLU A 131 -28.27 -3.54 6.26
N GLY A 132 -27.23 -2.72 6.26
CA GLY A 132 -27.18 -1.55 7.12
C GLY A 132 -26.88 -1.78 8.60
N ILE A 133 -26.93 -3.01 9.07
CA ILE A 133 -26.59 -3.30 10.45
C ILE A 133 -25.10 -3.04 10.74
N PRO A 134 -24.82 -2.24 11.78
CA PRO A 134 -23.44 -1.94 12.18
C PRO A 134 -22.72 -3.16 12.69
N ILE A 135 -21.52 -3.42 12.19
CA ILE A 135 -20.73 -4.55 12.65
C ILE A 135 -19.75 -4.09 13.74
N SER A 136 -19.74 -4.81 14.84
CA SER A 136 -18.81 -4.57 15.92
C SER A 136 -17.47 -5.23 15.58
N VAL A 137 -16.46 -4.40 15.35
CA VAL A 137 -15.13 -4.88 15.01
C VAL A 137 -14.54 -5.66 16.18
N GLU A 138 -14.65 -5.09 17.38
CA GLU A 138 -14.12 -5.74 18.58
C GLU A 138 -14.70 -7.13 18.83
N ASP A 139 -15.94 -7.36 18.45
CA ASP A 139 -16.59 -8.65 18.70
C ASP A 139 -16.41 -9.57 17.51
N SER A 140 -15.73 -9.09 16.48
CA SER A 140 -15.53 -9.89 15.29
C SER A 140 -14.12 -10.53 15.33
N VAL A 141 -13.78 -11.27 14.28
CA VAL A 141 -12.49 -11.96 14.21
C VAL A 141 -12.15 -12.21 12.73
N PHE A 142 -10.85 -12.17 12.41
CA PHE A 142 -10.36 -12.52 11.08
C PHE A 142 -9.27 -13.58 11.21
N VAL A 143 -9.43 -14.65 10.43
CA VAL A 143 -8.55 -15.79 10.40
C VAL A 143 -7.93 -15.97 9.02
N GLY A 144 -6.60 -16.02 8.96
CA GLY A 144 -5.91 -16.18 7.69
C GLY A 144 -4.48 -16.66 7.87
N ASP A 145 -3.94 -17.21 6.78
CA ASP A 145 -2.62 -17.82 6.76
C ASP A 145 -1.52 -16.89 6.24
N ALA A 146 -1.89 -15.82 5.56
CA ALA A 146 -0.91 -14.81 5.15
C ALA A 146 -0.61 -13.93 6.35
N ALA A 147 0.16 -14.49 7.28
CA ALA A 147 0.24 -13.95 8.62
C ALA A 147 1.66 -13.52 8.99
N GLY A 148 2.56 -13.49 8.01
CA GLY A 148 3.90 -12.96 8.22
C GLY A 148 4.68 -13.72 9.28
N ARG A 149 4.39 -15.02 9.41
CA ARG A 149 5.05 -15.87 10.40
C ARG A 149 6.47 -16.19 9.96
N LEU A 150 7.37 -16.32 10.92
CA LEU A 150 8.77 -16.61 10.62
C LEU A 150 8.94 -18.08 10.22
N ALA A 151 10.06 -18.36 9.53
CA ALA A 151 10.42 -19.72 9.19
C ALA A 151 10.44 -20.58 10.47
N ASN A 152 10.05 -21.84 10.35
CA ASN A 152 10.00 -22.74 11.48
C ASN A 152 9.11 -22.22 12.61
N TRP A 153 8.00 -21.55 12.26
CA TRP A 153 7.01 -21.19 13.26
C TRP A 153 6.41 -22.49 13.82
N ALA A 154 6.52 -23.55 13.03
CA ALA A 154 6.15 -24.89 13.48
C ALA A 154 6.93 -25.93 12.67
N PRO A 155 7.16 -27.11 13.29
CA PRO A 155 7.63 -28.34 12.62
C PRO A 155 7.15 -28.50 11.17
N GLY A 156 8.09 -28.66 10.24
CA GLY A 156 7.75 -28.79 8.84
C GLY A 156 7.53 -27.45 8.15
N ARG A 157 7.10 -26.46 8.93
CA ARG A 157 6.93 -25.13 8.39
C ARG A 157 8.29 -24.49 8.36
N LYS A 158 9.06 -24.80 7.33
CA LYS A 158 10.46 -24.43 7.28
C LYS A 158 10.63 -23.06 6.61
N LYS A 159 9.57 -22.54 6.01
CA LYS A 159 9.65 -21.26 5.34
C LYS A 159 8.62 -20.29 5.89
N LYS A 160 8.98 -19.02 5.96
CA LYS A 160 8.08 -17.98 6.44
C LYS A 160 6.88 -17.88 5.50
N ASP A 161 5.77 -17.34 6.00
CA ASP A 161 4.57 -17.14 5.20
C ASP A 161 4.94 -16.32 3.95
N PHE A 162 4.35 -16.68 2.82
CA PHE A 162 4.51 -15.95 1.57
C PHE A 162 4.13 -14.46 1.65
N SER A 163 3.31 -14.11 2.65
CA SER A 163 2.72 -12.77 2.73
C SER A 163 2.23 -12.50 4.14
N CYS A 164 1.98 -11.22 4.42
CA CYS A 164 1.44 -10.79 5.70
C CYS A 164 0.09 -10.11 5.51
N ALA A 165 -0.51 -10.30 4.33
CA ALA A 165 -1.70 -9.57 3.93
C ALA A 165 -2.93 -9.80 4.83
N ASP A 166 -3.10 -11.03 5.31
CA ASP A 166 -4.22 -11.37 6.18
C ASP A 166 -4.12 -10.66 7.53
N ARG A 167 -2.96 -10.77 8.18
CA ARG A 167 -2.74 -10.11 9.46
C ARG A 167 -2.93 -8.59 9.32
N LEU A 168 -2.49 -8.06 8.18
CA LEU A 168 -2.46 -6.61 7.99
C LEU A 168 -3.84 -6.07 7.62
N PHE A 169 -4.61 -6.87 6.90
CA PHE A 169 -6.00 -6.58 6.67
C PHE A 169 -6.70 -6.39 8.01
N ALA A 170 -6.47 -7.30 8.95
CA ALA A 170 -7.10 -7.22 10.25
C ALA A 170 -6.62 -5.95 10.97
N LEU A 171 -5.32 -5.72 10.90
CA LEU A 171 -4.71 -4.55 11.52
C LEU A 171 -5.26 -3.25 10.95
N ASN A 172 -5.47 -3.21 9.64
CA ASN A 172 -6.08 -2.04 9.01
C ASN A 172 -7.52 -1.79 9.47
N VAL A 173 -8.29 -2.86 9.61
CA VAL A 173 -9.69 -2.73 10.03
C VAL A 173 -9.84 -2.60 11.54
N GLY A 174 -8.96 -3.26 12.28
CA GLY A 174 -9.00 -3.28 13.74
C GLY A 174 -9.57 -4.59 14.27
N LEU A 175 -9.58 -5.60 13.41
CA LEU A 175 -10.19 -6.89 13.75
C LEU A 175 -9.26 -7.76 14.58
N PRO A 176 -9.75 -8.32 15.69
CA PRO A 176 -8.96 -9.40 16.32
C PRO A 176 -8.53 -10.41 15.24
N PHE A 177 -7.32 -10.94 15.34
CA PHE A 177 -6.76 -11.80 14.29
C PHE A 177 -6.21 -13.12 14.78
N ALA A 178 -6.43 -14.18 14.01
CA ALA A 178 -5.78 -15.45 14.30
C ALA A 178 -5.41 -16.17 13.02
N THR A 179 -4.45 -17.08 13.11
CA THR A 179 -4.16 -17.95 11.99
C THR A 179 -5.10 -19.14 12.09
N PRO A 180 -5.24 -19.90 11.00
CA PRO A 180 -6.03 -21.13 11.00
C PRO A 180 -5.62 -22.12 12.09
N GLU A 181 -4.32 -22.29 12.32
CA GLU A 181 -3.83 -23.23 13.32
C GLU A 181 -4.12 -22.76 14.75
N GLU A 182 -3.87 -21.48 15.02
CA GLU A 182 -4.20 -20.88 16.30
C GLU A 182 -5.71 -20.94 16.54
N PHE A 183 -6.50 -20.60 15.52
CA PHE A 183 -7.96 -20.56 15.64
C PHE A 183 -8.61 -21.95 15.75
N PHE A 184 -8.40 -22.77 14.74
CA PHE A 184 -9.09 -24.05 14.64
C PHE A 184 -8.47 -25.13 15.53
N LEU A 185 -7.16 -25.08 15.73
CA LEU A 185 -6.43 -26.12 16.41
C LEU A 185 -5.93 -25.70 17.79
N LYS A 186 -6.14 -24.44 18.14
CA LYS A 186 -5.67 -23.92 19.41
C LYS A 186 -4.14 -24.04 19.58
N TRP A 187 -3.38 -23.86 18.50
CA TRP A 187 -1.93 -23.82 18.60
C TRP A 187 -1.49 -22.52 19.26
N PRO A 188 -0.33 -22.54 19.95
CA PRO A 188 0.21 -21.29 20.49
C PRO A 188 0.42 -20.23 19.41
N ALA A 189 0.40 -18.96 19.82
CA ALA A 189 0.60 -17.85 18.90
C ALA A 189 1.97 -17.97 18.29
N ALA A 190 2.02 -18.06 16.96
CA ALA A 190 3.30 -18.18 16.26
C ALA A 190 3.99 -16.82 16.12
N ARG A 191 5.31 -16.84 16.14
CA ARG A 191 6.09 -15.63 15.92
C ARG A 191 5.87 -15.11 14.51
N PHE A 192 5.95 -13.80 14.35
CA PHE A 192 5.67 -13.18 13.06
C PHE A 192 6.39 -11.88 12.95
N GLU A 193 6.19 -11.21 11.81
CA GLU A 193 6.92 -10.03 11.51
C GLU A 193 6.05 -9.12 10.67
N LEU A 194 6.11 -7.81 10.92
CA LEU A 194 5.36 -6.86 10.12
C LEU A 194 6.32 -6.11 9.22
N PRO A 195 5.84 -5.52 8.11
CA PRO A 195 6.71 -4.67 7.30
C PRO A 195 7.36 -3.58 8.16
N ALA A 196 8.54 -3.14 7.79
CA ALA A 196 9.22 -2.09 8.55
C ALA A 196 8.40 -0.82 8.62
N PHE A 197 7.94 -0.34 7.47
CA PHE A 197 7.17 0.90 7.43
C PHE A 197 5.69 0.70 7.81
N ASP A 198 5.27 1.46 8.82
CA ASP A 198 3.94 1.38 9.36
C ASP A 198 3.15 2.64 8.98
N PRO A 199 2.29 2.54 7.96
CA PRO A 199 1.60 3.74 7.47
C PRO A 199 0.73 4.42 8.53
N ARG A 200 0.48 3.73 9.65
CA ARG A 200 -0.29 4.32 10.75
C ARG A 200 0.51 5.37 11.52
N THR A 201 1.80 5.48 11.24
CA THR A 201 2.64 6.50 11.86
C THR A 201 2.62 7.80 11.05
N ILE A 202 2.01 7.77 9.86
CA ILE A 202 2.04 8.94 8.99
C ILE A 202 1.19 10.07 9.55
N SER A 203 1.82 11.22 9.72
CA SER A 203 1.14 12.34 10.35
C SER A 203 0.86 13.42 9.33
N SER A 204 -0.23 14.16 9.56
CA SER A 204 -0.60 15.27 8.71
C SER A 204 -0.02 16.57 9.28
N ALA A 205 0.14 16.60 10.60
CA ALA A 205 0.71 17.75 11.27
C ALA A 205 2.23 17.71 11.17
N GLY A 206 2.87 18.68 11.80
CA GLY A 206 4.30 18.71 11.85
C GLY A 206 4.83 19.80 10.97
N PRO A 207 6.08 20.21 11.20
CA PRO A 207 6.61 21.29 10.37
C PRO A 207 6.76 20.85 8.92
N LEU A 208 6.65 21.83 8.03
CA LEU A 208 6.71 21.62 6.60
C LEU A 208 8.15 21.41 6.18
N TYR A 209 9.06 22.09 6.84
CA TYR A 209 10.48 22.02 6.52
C TYR A 209 11.30 22.15 7.79
N LEU A 210 12.58 21.85 7.71
CA LEU A 210 13.46 21.96 8.88
C LEU A 210 14.81 22.53 8.50
N PRO A 211 15.36 23.44 9.33
CA PRO A 211 14.85 24.00 10.60
C PRO A 211 13.56 24.82 10.49
N GLU A 212 12.76 24.83 11.57
CA GLU A 212 11.51 25.59 11.58
C GLU A 212 11.78 27.09 11.70
N SER A 213 13.01 27.45 12.04
CA SER A 213 13.38 28.86 12.19
C SER A 213 13.70 29.52 10.85
N SER A 214 14.18 28.75 9.87
CA SER A 214 14.46 29.31 8.55
C SER A 214 13.16 29.45 7.75
N SER A 215 13.26 29.88 6.50
CA SER A 215 12.07 30.14 5.71
C SER A 215 12.12 29.45 4.34
N LEU A 216 10.97 28.90 3.97
CA LEU A 216 10.80 28.11 2.76
C LEU A 216 11.30 28.80 1.49
N LEU A 217 10.90 30.05 1.28
CA LEU A 217 11.34 30.81 0.11
C LEU A 217 12.28 31.93 0.53
N SER A 218 12.85 32.62 -0.46
CA SER A 218 13.54 33.87 -0.23
C SER A 218 13.05 34.94 -1.22
N PRO A 219 13.11 36.22 -0.81
CA PRO A 219 12.66 37.32 -1.66
C PRO A 219 13.55 37.53 -2.89
N ASN A 220 14.82 37.19 -2.76
CA ASN A 220 15.80 37.40 -3.83
C ASN A 220 16.01 36.11 -4.62
N PRO A 221 16.52 36.23 -5.86
CA PRO A 221 16.72 35.02 -6.65
C PRO A 221 17.67 34.01 -5.98
N GLU A 222 17.57 32.74 -6.38
CA GLU A 222 18.31 31.66 -5.75
C GLU A 222 18.00 30.38 -6.50
N VAL A 223 18.88 29.38 -6.40
CA VAL A 223 18.58 28.07 -6.99
C VAL A 223 18.26 27.05 -5.88
N VAL A 224 17.14 26.37 -6.04
CA VAL A 224 16.76 25.31 -5.12
C VAL A 224 16.96 23.96 -5.79
N VAL A 225 17.76 23.11 -5.14
CA VAL A 225 18.01 21.76 -5.60
C VAL A 225 17.20 20.76 -4.80
N ALA A 226 16.32 20.02 -5.49
CA ALA A 226 15.48 19.03 -4.83
C ALA A 226 16.15 17.67 -4.86
N VAL A 227 16.09 16.96 -3.74
CA VAL A 227 16.65 15.62 -3.65
C VAL A 227 15.63 14.67 -3.01
N GLY A 228 15.33 13.56 -3.68
CA GLY A 228 14.48 12.56 -3.08
C GLY A 228 14.17 11.43 -4.04
N PHE A 229 13.84 10.27 -3.48
CA PHE A 229 13.33 9.13 -4.24
C PHE A 229 12.23 9.53 -5.22
N PRO A 230 12.11 8.78 -6.32
CA PRO A 230 10.93 8.78 -7.17
C PRO A 230 9.67 8.46 -6.38
N GLY A 231 8.61 9.22 -6.59
CA GLY A 231 7.35 8.98 -5.92
C GLY A 231 7.32 9.55 -4.52
N ALA A 232 8.37 10.26 -4.14
CA ALA A 232 8.46 10.78 -2.78
C ALA A 232 7.50 11.95 -2.57
N GLY A 233 6.90 12.44 -3.64
CA GLY A 233 5.98 13.57 -3.57
C GLY A 233 6.66 14.90 -3.84
N LYS A 234 7.86 14.86 -4.40
CA LYS A 234 8.64 16.07 -4.70
C LYS A 234 7.86 17.05 -5.57
N SER A 235 7.35 16.57 -6.68
CA SER A 235 6.76 17.46 -7.68
C SER A 235 5.52 18.13 -7.11
N THR A 236 4.75 17.37 -6.34
CA THR A 236 3.53 17.89 -5.74
C THR A 236 3.85 19.02 -4.76
N PHE A 237 4.84 18.78 -3.91
CA PHE A 237 5.31 19.79 -2.98
C PHE A 237 5.80 21.05 -3.74
N ILE A 238 6.61 20.86 -4.77
CA ILE A 238 7.20 21.98 -5.49
C ILE A 238 6.16 22.87 -6.19
N GLN A 239 5.18 22.25 -6.86
CA GLN A 239 4.11 23.02 -7.48
C GLN A 239 3.35 23.81 -6.41
N GLU A 240 2.97 23.12 -5.34
CA GLU A 240 2.20 23.74 -4.28
C GLU A 240 2.86 24.95 -3.60
N HIS A 241 4.16 24.85 -3.32
CA HIS A 241 4.84 25.81 -2.46
C HIS A 241 5.82 26.73 -3.17
N LEU A 242 6.37 26.30 -4.30
CA LEU A 242 7.39 27.10 -5.01
C LEU A 242 6.90 27.71 -6.31
N VAL A 243 6.39 26.87 -7.19
CA VAL A 243 5.90 27.33 -8.49
C VAL A 243 4.77 28.35 -8.31
N SER A 244 3.89 28.09 -7.34
CA SER A 244 2.79 28.99 -7.04
C SER A 244 3.28 30.30 -6.42
N ALA A 245 4.55 30.31 -6.01
CA ALA A 245 5.14 31.49 -5.38
C ALA A 245 5.98 32.30 -6.37
N GLY A 246 6.19 31.74 -7.56
CA GLY A 246 6.89 32.46 -8.61
C GLY A 246 8.20 31.82 -9.02
N TYR A 247 8.47 30.57 -8.61
CA TYR A 247 9.69 29.88 -9.04
C TYR A 247 9.49 29.19 -10.39
N VAL A 248 10.54 29.21 -11.20
CA VAL A 248 10.57 28.47 -12.45
C VAL A 248 10.71 26.99 -12.13
N HIS A 249 9.95 26.17 -12.83
CA HIS A 249 9.95 24.74 -12.55
C HIS A 249 10.74 24.01 -13.63
N VAL A 250 11.84 23.41 -13.20
CA VAL A 250 12.66 22.59 -14.08
C VAL A 250 12.46 21.12 -13.72
N ASN A 251 12.09 20.31 -14.69
CA ASN A 251 11.78 18.90 -14.47
C ASN A 251 12.32 18.03 -15.59
N ARG A 252 12.82 16.84 -15.23
CA ARG A 252 13.59 16.00 -16.15
C ARG A 252 12.77 14.90 -16.83
N ASP A 253 11.65 14.52 -16.22
CA ASP A 253 10.72 13.61 -16.89
C ASP A 253 10.07 14.36 -18.07
N THR A 254 10.06 15.70 -17.98
CA THR A 254 9.42 16.53 -18.98
C THR A 254 10.44 16.97 -20.02
N LEU A 255 11.47 17.69 -19.58
CA LEU A 255 12.55 18.09 -20.49
C LEU A 255 13.12 16.88 -21.23
N GLY A 256 14.02 16.14 -20.58
CA GLY A 256 14.60 14.93 -21.19
C GLY A 256 16.11 14.78 -21.09
N SER A 257 16.79 15.77 -20.52
CA SER A 257 18.23 15.74 -20.34
C SER A 257 18.68 16.78 -19.32
N TRP A 258 19.94 16.68 -18.91
CA TRP A 258 20.49 17.57 -17.88
C TRP A 258 21.02 18.86 -18.50
N GLN A 259 21.29 18.83 -19.81
CA GLN A 259 21.64 20.05 -20.53
C GLN A 259 20.39 20.92 -20.61
N ARG A 260 19.33 20.37 -21.19
CA ARG A 260 18.04 21.03 -21.23
C ARG A 260 17.73 21.65 -19.85
N CYS A 261 18.14 20.94 -18.80
CA CYS A 261 17.89 21.35 -17.42
C CYS A 261 18.77 22.50 -16.92
N VAL A 262 20.08 22.36 -17.10
CA VAL A 262 20.99 23.40 -16.60
C VAL A 262 20.78 24.75 -17.31
N SER A 263 20.57 24.72 -18.61
CA SER A 263 20.44 25.94 -19.40
C SER A 263 19.14 26.68 -19.03
N SER A 264 18.15 25.94 -18.57
CA SER A 264 16.91 26.53 -18.10
C SER A 264 17.22 27.29 -16.82
N CYS A 265 18.05 26.70 -15.98
CA CYS A 265 18.42 27.32 -14.71
C CYS A 265 19.20 28.62 -14.95
N GLN A 266 20.21 28.54 -15.83
CA GLN A 266 21.00 29.72 -16.18
C GLN A 266 20.08 30.75 -16.80
N ALA A 267 19.31 30.34 -17.81
CA ALA A 267 18.35 31.21 -18.45
C ALA A 267 17.54 31.93 -17.41
N ALA A 268 16.74 31.19 -16.66
CA ALA A 268 15.82 31.77 -15.69
C ALA A 268 16.52 32.70 -14.69
N LEU A 269 17.77 32.39 -14.35
CA LEU A 269 18.53 33.23 -13.42
C LEU A 269 18.95 34.56 -14.07
N ARG A 270 19.11 34.56 -15.39
CA ARG A 270 19.37 35.81 -16.13
C ARG A 270 18.09 36.63 -16.20
N GLN A 271 16.97 35.91 -16.29
CA GLN A 271 15.65 36.53 -16.41
C GLN A 271 15.15 37.06 -15.06
N GLY A 272 16.04 37.10 -14.08
CA GLY A 272 15.70 37.60 -12.76
C GLY A 272 14.67 36.73 -12.09
N LYS A 273 14.69 35.43 -12.39
CA LYS A 273 13.72 34.50 -11.82
C LYS A 273 14.35 33.58 -10.78
N ARG A 274 13.53 32.74 -10.18
CA ARG A 274 13.98 31.76 -9.22
C ARG A 274 13.69 30.39 -9.79
N VAL A 275 14.68 29.50 -9.72
CA VAL A 275 14.57 28.17 -10.31
C VAL A 275 14.54 27.10 -9.23
N VAL A 276 13.80 26.03 -9.48
CA VAL A 276 13.84 24.84 -8.66
C VAL A 276 14.02 23.63 -9.56
N ILE A 277 15.07 22.86 -9.28
CA ILE A 277 15.41 21.68 -10.07
C ILE A 277 14.70 20.43 -9.53
N ASP A 278 13.58 20.09 -10.14
CA ASP A 278 12.72 19.00 -9.71
C ASP A 278 13.09 17.66 -10.34
N ASN A 279 14.17 17.04 -9.85
CA ASN A 279 14.45 15.66 -10.17
C ASN A 279 15.09 14.94 -8.98
N THR A 280 15.45 13.68 -9.16
CA THR A 280 16.02 12.88 -8.08
C THR A 280 17.28 13.52 -7.49
N ASN A 281 18.27 13.81 -8.34
CA ASN A 281 19.52 14.42 -7.86
C ASN A 281 20.22 13.54 -6.83
N PRO A 282 20.41 12.26 -7.16
CA PRO A 282 20.85 11.29 -6.15
C PRO A 282 22.25 11.57 -5.59
N ASP A 283 23.14 12.18 -6.38
CA ASP A 283 24.55 12.24 -6.02
C ASP A 283 25.22 13.59 -6.26
N VAL A 284 26.50 13.67 -5.85
CA VAL A 284 27.23 14.91 -5.81
C VAL A 284 27.39 15.54 -7.19
N PRO A 285 27.70 14.72 -8.19
CA PRO A 285 27.86 15.25 -9.55
C PRO A 285 26.63 16.01 -10.03
N SER A 286 25.48 15.37 -9.94
CA SER A 286 24.26 15.99 -10.41
C SER A 286 24.09 17.36 -9.78
N ARG A 287 24.14 17.41 -8.46
CA ARG A 287 23.84 18.65 -7.75
C ARG A 287 24.89 19.77 -7.88
N ALA A 288 26.18 19.42 -7.84
CA ALA A 288 27.23 20.43 -7.97
C ALA A 288 26.92 21.28 -9.20
N ARG A 289 26.47 20.61 -10.25
CA ARG A 289 26.19 21.21 -11.53
C ARG A 289 25.24 22.40 -11.42
N TYR A 290 24.10 22.20 -10.76
CA TYR A 290 23.14 23.29 -10.59
C TYR A 290 23.64 24.27 -9.50
N ILE A 291 24.54 23.80 -8.63
CA ILE A 291 25.18 24.69 -7.65
C ILE A 291 26.04 25.72 -8.37
N GLN A 292 26.55 25.34 -9.54
CA GLN A 292 27.48 26.19 -10.27
C GLN A 292 26.75 27.36 -10.93
N CYS A 293 25.53 27.12 -11.38
CA CYS A 293 24.70 28.19 -11.94
C CYS A 293 24.43 29.26 -10.89
N ALA A 294 24.01 28.81 -9.71
CA ALA A 294 23.79 29.68 -8.56
C ALA A 294 24.99 30.58 -8.24
N LYS A 295 26.18 29.98 -8.19
CA LYS A 295 27.40 30.74 -7.90
C LYS A 295 27.78 31.65 -9.07
N ASP A 296 27.47 31.22 -10.29
CA ASP A 296 27.69 32.06 -11.48
C ASP A 296 26.96 33.39 -11.32
N ALA A 297 25.70 33.31 -10.92
CA ALA A 297 24.80 34.46 -10.92
C ALA A 297 24.90 35.28 -9.64
N GLY A 298 25.79 34.90 -8.73
CA GLY A 298 25.90 35.56 -7.44
C GLY A 298 24.64 35.43 -6.61
N VAL A 299 23.92 34.31 -6.79
CA VAL A 299 22.73 34.02 -5.99
C VAL A 299 23.01 32.88 -5.02
N PRO A 300 22.37 32.93 -3.85
CA PRO A 300 22.56 31.81 -2.92
C PRO A 300 22.10 30.51 -3.56
N CYS A 301 22.41 29.38 -2.93
CA CYS A 301 21.87 28.11 -3.37
C CYS A 301 21.48 27.25 -2.18
N ARG A 302 20.28 26.67 -2.25
CA ARG A 302 19.84 25.80 -1.18
C ARG A 302 19.49 24.41 -1.71
N CYS A 303 19.39 23.46 -0.80
CA CYS A 303 18.94 22.12 -1.13
C CYS A 303 17.68 21.85 -0.34
N PHE A 304 16.68 21.33 -1.04
CA PHE A 304 15.51 20.76 -0.40
C PHE A 304 15.69 19.24 -0.41
N ASN A 305 16.06 18.69 0.74
CA ASN A 305 16.31 17.25 0.85
C ASN A 305 15.07 16.55 1.39
N PHE A 306 14.39 15.84 0.51
CA PHE A 306 13.16 15.15 0.88
C PHE A 306 13.49 13.88 1.67
N CYS A 307 12.95 13.78 2.89
CA CYS A 307 13.32 12.71 3.82
C CYS A 307 12.71 11.36 3.51
N ALA A 308 11.79 11.31 2.55
CA ALA A 308 11.08 10.08 2.24
C ALA A 308 12.01 8.88 2.09
N THR A 309 11.76 7.84 2.88
CA THR A 309 12.51 6.59 2.74
C THR A 309 11.98 5.83 1.54
N ILE A 310 12.69 4.78 1.15
CA ILE A 310 12.27 4.00 0.01
C ILE A 310 10.88 3.38 0.22
N GLU A 311 10.60 2.89 1.42
CA GLU A 311 9.29 2.30 1.69
C GLU A 311 8.17 3.35 1.75
N GLN A 312 8.48 4.55 2.21
CA GLN A 312 7.50 5.63 2.15
C GLN A 312 7.18 5.99 0.71
N ALA A 313 8.20 6.05 -0.15
CA ALA A 313 8.00 6.35 -1.56
C ALA A 313 7.19 5.26 -2.25
N ARG A 314 7.50 4.00 -1.96
CA ARG A 314 6.79 2.86 -2.55
C ARG A 314 5.32 2.89 -2.13
N HIS A 315 5.10 3.14 -0.85
CA HIS A 315 3.77 3.31 -0.30
C HIS A 315 3.01 4.43 -1.01
N ASN A 316 3.68 5.57 -1.19
CA ASN A 316 3.03 6.70 -1.83
C ASN A 316 2.64 6.28 -3.24
N ASN A 317 3.54 5.59 -3.92
CA ASN A 317 3.26 5.15 -5.29
C ASN A 317 2.06 4.20 -5.37
N ARG A 318 1.91 3.29 -4.41
CA ARG A 318 0.76 2.38 -4.43
C ARG A 318 -0.52 3.18 -4.20
N PHE A 319 -0.46 4.16 -3.29
CA PHE A 319 -1.63 4.95 -2.99
C PHE A 319 -2.11 5.66 -4.25
N ARG A 320 -1.18 6.22 -5.03
CA ARG A 320 -1.52 6.94 -6.25
C ARG A 320 -2.02 5.99 -7.34
N GLU A 321 -1.35 4.86 -7.49
CA GLU A 321 -1.82 3.82 -8.41
C GLU A 321 -3.29 3.50 -8.10
N MSE A 322 -3.62 3.41 -6.82
CA MSE A 322 -4.97 3.01 -6.40
C MSE A 322 -6.04 4.05 -6.67
O MSE A 322 -7.17 3.72 -7.01
CB MSE A 322 -4.98 2.74 -4.91
CG MSE A 322 -4.49 1.39 -4.55
SE MSE A 322 -5.03 0.97 -2.73
CE MSE A 322 -3.98 2.25 -1.72
H MSE A 322 -3.09 3.58 -6.16
HA MSE A 322 -5.21 2.19 -6.86
HB2 MSE A 322 -4.40 3.39 -4.47
HB3 MSE A 322 -5.89 2.83 -4.58
HG2 MSE A 322 -4.88 0.72 -5.14
HG3 MSE A 322 -3.52 1.36 -4.60
HE1 MSE A 322 -4.17 2.14 -0.79
HE2 MSE A 322 -3.05 2.09 -1.89
HE3 MSE A 322 -4.22 3.13 -2.00
N THR A 323 -5.68 5.32 -6.48
CA THR A 323 -6.66 6.39 -6.48
C THR A 323 -6.63 7.23 -7.75
N ASP A 324 -5.61 7.04 -8.59
CA ASP A 324 -5.43 7.88 -9.76
C ASP A 324 -5.06 7.07 -10.98
N PRO A 325 -6.02 6.88 -11.90
CA PRO A 325 -5.83 6.04 -13.09
C PRO A 325 -4.89 6.67 -14.13
N SER A 326 -4.46 7.91 -13.90
CA SER A 326 -3.53 8.56 -14.83
C SER A 326 -2.09 8.43 -14.34
N HIS A 327 -1.94 8.25 -13.04
CA HIS A 327 -0.61 8.15 -12.43
C HIS A 327 0.16 7.01 -13.08
N ALA A 328 1.34 7.34 -13.58
CA ALA A 328 2.26 6.34 -14.10
C ALA A 328 3.01 5.65 -12.95
N PRO A 329 3.00 4.31 -12.92
CA PRO A 329 3.64 3.60 -11.81
C PRO A 329 5.12 3.93 -11.75
N VAL A 330 5.65 4.07 -10.55
CA VAL A 330 7.09 4.23 -10.37
C VAL A 330 7.64 2.88 -9.91
N SER A 331 8.33 2.19 -10.80
CA SER A 331 8.70 0.80 -10.57
C SER A 331 9.81 0.65 -9.55
N ASP A 332 9.87 -0.52 -8.91
CA ASP A 332 10.86 -0.74 -7.87
C ASP A 332 12.25 -0.62 -8.47
N MSE A 333 12.45 -1.28 -9.61
CA MSE A 333 13.71 -1.21 -10.32
C MSE A 333 14.27 0.21 -10.31
O MSE A 333 15.45 0.43 -10.07
CB MSE A 333 13.52 -1.68 -11.76
CG MSE A 333 14.81 -1.91 -12.52
SE MSE A 333 14.56 -1.72 -14.45
CE MSE A 333 13.02 -2.91 -14.67
H MSE A 333 11.87 -1.78 -9.98
HA MSE A 333 14.36 -1.81 -9.89
HB2 MSE A 333 13.03 -2.52 -11.75
HB3 MSE A 333 13.01 -1.02 -12.23
HG2 MSE A 333 15.47 -1.26 -12.23
HG3 MSE A 333 15.14 -2.81 -12.34
HE1 MSE A 333 12.76 -2.91 -15.60
HE2 MSE A 333 13.26 -3.79 -14.39
HE3 MSE A 333 12.29 -2.57 -14.13
N VAL A 334 13.40 1.18 -10.56
CA VAL A 334 13.79 2.58 -10.60
C VAL A 334 14.15 3.08 -9.21
N MSE A 335 13.46 2.56 -8.19
CA MSE A 335 13.75 2.88 -6.80
C MSE A 335 15.15 2.46 -6.38
O MSE A 335 15.88 3.21 -5.72
CB MSE A 335 12.73 2.19 -5.88
CG MSE A 335 11.30 2.53 -6.17
SE MSE A 335 10.89 4.37 -5.76
CE MSE A 335 9.45 4.00 -4.50
H MSE A 335 12.81 2.00 -8.29
HA MSE A 335 13.65 3.86 -6.67
HB2 MSE A 335 12.84 1.23 -5.96
HB3 MSE A 335 12.92 2.45 -4.95
HG2 MSE A 335 11.12 2.39 -7.11
HG3 MSE A 335 10.72 1.96 -5.62
HE1 MSE A 335 9.11 4.84 -4.17
HE2 MSE A 335 8.76 3.52 -4.96
HE3 MSE A 335 9.81 3.48 -3.78
N PHE A 336 15.52 1.23 -6.74
CA PHE A 336 16.83 0.66 -6.38
C PHE A 336 17.98 1.37 -7.07
N SER A 337 17.72 1.89 -8.27
CA SER A 337 18.76 2.60 -9.01
C SER A 337 19.13 3.88 -8.32
N TYR A 338 18.11 4.60 -7.86
CA TYR A 338 18.30 5.82 -7.10
C TYR A 338 19.09 5.50 -5.83
N ARG A 339 18.59 4.54 -5.07
CA ARG A 339 19.19 4.19 -3.80
C ARG A 339 20.67 3.79 -4.02
N LYS A 340 20.91 2.99 -5.05
CA LYS A 340 22.26 2.54 -5.37
C LYS A 340 23.20 3.73 -5.57
N GLN A 341 22.65 4.83 -6.07
CA GLN A 341 23.48 5.99 -6.44
C GLN A 341 23.44 7.10 -5.40
N PHE A 342 22.51 7.01 -4.48
CA PHE A 342 22.31 8.10 -3.54
C PHE A 342 23.53 8.37 -2.67
N GLU A 343 23.83 9.65 -2.48
CA GLU A 343 24.72 10.10 -1.43
C GLU A 343 24.23 11.44 -0.90
N PRO A 344 24.17 11.58 0.43
CA PRO A 344 23.50 12.73 1.07
C PRO A 344 24.12 14.06 0.65
N PRO A 345 23.30 15.12 0.57
CA PRO A 345 23.81 16.47 0.33
C PRO A 345 24.46 17.10 1.57
N THR A 346 25.57 17.82 1.37
CA THR A 346 26.32 18.40 2.49
C THR A 346 26.60 19.88 2.23
N LEU A 347 26.58 20.70 3.28
CA LEU A 347 26.86 22.13 3.12
C LEU A 347 28.19 22.35 2.39
N ALA A 348 29.05 21.33 2.41
CA ALA A 348 30.39 21.45 1.85
C ALA A 348 30.44 21.31 0.33
N GLU A 349 29.30 21.07 -0.31
CA GLU A 349 29.25 21.11 -1.78
C GLU A 349 28.92 22.52 -2.24
N GLY A 350 28.48 23.36 -1.29
CA GLY A 350 28.17 24.75 -1.59
C GLY A 350 26.67 25.07 -1.54
N PHE A 351 26.06 24.90 -0.37
CA PHE A 351 24.68 25.31 -0.15
C PHE A 351 24.66 26.32 1.00
N LEU A 352 23.92 27.42 0.86
CA LEU A 352 23.73 28.36 1.97
C LEU A 352 23.05 27.64 3.13
N GLU A 353 22.08 26.79 2.81
CA GLU A 353 21.52 25.88 3.78
C GLU A 353 20.84 24.70 3.09
N ILE A 354 20.76 23.58 3.80
CA ILE A 354 19.99 22.44 3.32
C ILE A 354 18.74 22.40 4.16
N LEU A 355 17.60 22.32 3.48
CA LEU A 355 16.33 22.14 4.16
C LEU A 355 15.99 20.67 4.11
N GLU A 356 15.54 20.12 5.24
CA GLU A 356 14.99 18.76 5.25
C GLU A 356 13.47 18.86 5.09
N ILE A 357 12.94 18.10 4.13
CA ILE A 357 11.52 18.11 3.85
C ILE A 357 10.93 16.78 4.33
N PRO A 358 10.22 16.79 5.46
CA PRO A 358 9.66 15.56 6.04
C PRO A 358 8.53 14.95 5.21
N PHE A 359 8.35 13.65 5.37
CA PHE A 359 7.27 12.90 4.73
C PHE A 359 6.02 13.01 5.59
N ARG A 360 4.96 13.59 5.05
CA ARG A 360 3.70 13.74 5.77
C ARG A 360 2.50 13.51 4.85
N LEU A 361 1.32 13.46 5.46
CA LEU A 361 0.09 13.21 4.73
C LEU A 361 -0.22 14.38 3.81
N GLN A 362 -0.53 14.05 2.56
CA GLN A 362 -0.64 15.03 1.49
C GLN A 362 -1.83 15.96 1.64
N LEU A 365 -7.22 17.26 2.07
CA LEU A 365 -7.50 15.97 1.45
C LEU A 365 -8.58 15.21 2.25
N ASP A 366 -9.48 14.56 1.51
CA ASP A 366 -10.68 13.97 2.10
C ASP A 366 -10.40 12.92 3.19
N PRO A 367 -11.26 12.88 4.23
CA PRO A 367 -11.14 11.93 5.34
C PRO A 367 -11.05 10.48 4.90
N ALA A 368 -11.81 10.09 3.90
CA ALA A 368 -11.82 8.70 3.45
C ALA A 368 -10.51 8.35 2.75
N LEU A 369 -9.88 9.33 2.12
CA LEU A 369 -8.60 9.10 1.45
C LEU A 369 -7.42 9.13 2.44
N GLN A 370 -7.50 9.99 3.45
CA GLN A 370 -6.58 9.92 4.58
C GLN A 370 -6.61 8.52 5.18
N ARG A 371 -7.80 8.07 5.54
CA ARG A 371 -7.96 6.75 6.13
C ARG A 371 -7.32 5.69 5.23
N LEU A 372 -7.57 5.79 3.93
CA LEU A 372 -6.98 4.86 2.99
C LEU A 372 -5.44 4.99 3.00
N TYR A 373 -4.93 6.22 3.09
CA TYR A 373 -3.50 6.46 3.00
C TYR A 373 -2.72 5.82 4.15
N ARG A 374 -3.29 5.77 5.33
CA ARG A 374 -2.59 5.17 6.44
C ARG A 374 -2.95 3.69 6.63
N GLN A 375 -3.49 3.07 5.60
CA GLN A 375 -3.59 1.61 5.57
C GLN A 375 -2.34 0.94 4.97
N PHE A 376 -1.89 -0.13 5.63
CA PHE A 376 -0.94 -1.05 5.02
C PHE A 376 -1.50 -1.45 3.65
N SER A 377 -0.68 -1.42 2.61
CA SER A 377 -1.17 -1.69 1.26
C SER A 377 -0.30 -2.70 0.51
N GLU A 378 0.52 -3.46 1.22
CA GLU A 378 1.39 -4.46 0.60
C GLU A 378 1.64 -5.59 1.60
N GLY A 379 1.36 -6.82 1.19
CA GLY A 379 1.44 -7.95 2.10
C GLY A 379 2.85 -8.45 2.20
C1 GOL C . 3.06 0.11 3.36
O1 GOL C . 1.87 -0.24 2.69
C2 GOL C . 3.42 -1.05 4.28
O2 GOL C . 4.78 -0.94 4.60
C3 GOL C . 3.15 -2.36 3.55
O3 GOL C . 1.83 -2.82 3.75
H11 GOL C . 2.90 1.01 3.95
H12 GOL C . 3.86 0.28 2.65
HO1 GOL C . 1.58 0.52 2.15
H2 GOL C . 2.80 -1.00 5.18
HO2 GOL C . 5.04 -1.69 5.17
H31 GOL C . 3.85 -3.13 3.91
H32 GOL C . 3.33 -2.23 2.48
HO3 GOL C . 1.83 -3.78 3.90
C1 GOL D . -26.40 -15.68 10.66
O1 GOL D . -26.91 -16.55 11.65
C2 GOL D . -25.40 -16.44 9.80
O2 GOL D . -25.94 -17.67 9.38
C3 GOL D . -25.05 -15.61 8.58
O3 GOL D . -25.17 -16.44 7.45
H11 GOL D . -25.92 -14.83 11.13
H12 GOL D . -27.21 -15.32 10.04
HO1 GOL D . -27.50 -16.06 12.24
H2 GOL D . -24.49 -16.62 10.39
HO2 GOL D . -26.73 -17.51 8.83
H31 GOL D . -24.03 -15.23 8.66
H32 GOL D . -25.73 -14.76 8.49
HO3 GOL D . -24.31 -16.89 7.28
C1 GOL E . -15.48 -18.20 19.08
O1 GOL E . -16.40 -18.37 20.14
C2 GOL E . -14.47 -17.13 19.45
O2 GOL E . -13.20 -17.72 19.64
C3 GOL E . -14.44 -16.07 18.34
O3 GOL E . -13.49 -15.06 18.63
H11 GOL E . -16.01 -17.91 18.17
H12 GOL E . -14.96 -19.14 18.89
HO1 GOL E . -17.09 -19.02 19.87
H2 GOL E . -14.78 -16.65 20.38
HO2 GOL E . -12.91 -18.15 18.80
H31 GOL E . -15.43 -15.63 18.23
H32 GOL E . -14.17 -16.55 17.39
HO3 GOL E . -13.55 -14.35 17.97
P PO4 F . 8.00 12.55 -7.13
O1 PO4 F . 6.71 12.14 -6.45
O2 PO4 F . 9.07 12.72 -6.10
O3 PO4 F . 8.38 11.48 -8.12
O4 PO4 F . 7.79 13.86 -7.86
MG MG G . -4.46 -17.59 2.15
P PO4 H . -6.77 -16.25 -0.14
O1 PO4 H . -5.90 -16.91 1.01
O3 PO4 H . -6.51 -14.79 -0.10
O4 PO4 H . -8.13 -16.81 0.01
#